data_9W1R
#
_entry.id   9W1R
#
_cell.length_a   1.00
_cell.length_b   1.00
_cell.length_c   1.00
_cell.angle_alpha   90.00
_cell.angle_beta   90.00
_cell.angle_gamma   90.00
#
_symmetry.space_group_name_H-M   'P 1'
#
loop_
_entity.id
_entity.type
_entity.pdbx_description
1 polymer 'Glucose-6-phosphate exchanger SLC37A4,Soluble cytochrome b562'
2 non-polymer '(1~{S},3~{R},4~{R},5~{R})-1-[[(1~{R},2~{S})-2-(4-chlorophenyl)cyclopropyl]methoxy]-3-[(~{Z})-3-imidazo[4,5-b]pyridin-1-yl-3-phenyl-prop-2-enoyl]oxy-4,5-bis(oxidanyl)cyclohexane-1-carboxylic acid'
#
_entity_poly.entity_id   1
_entity_poly.type   'polypeptide(L)'
_entity_poly.pdbx_seq_one_letter_code
;MAAQGYGYYRTVIFSAMFGGYSLYYFNRKTFSFVMPSLVEEIPLDKDDLGFITSSQSAAYAISKFVSGVLSDQMSARWLF
SSGLLLVGLVNIFFAWSSTVPVFAALWFLNGLAQGLGWPPCGKVLRKWFEPSQFGTWWAILSTSMNLAGGLGPILATILA
QSYSWRSTLALSGALCVVVSFLCLLLIHNEPADVGLRNLDPMPSEGKKGSLKEESTLQELLLSPYLWVLSTGYLVVFGVK
TCCTDWGQFFLIQEKGQSALVGSSYMSALEVGGLVGSIAAGYLSDRAMAKAGLSNYGNPRHGLLLFMMAGMTVSMYLFRV
TVTSDSPKLWILVLGAVFGFSSYGPIALFGVIANESAPPNLCGTSHAIVGLMANVGGFLAGLPFSTIAKHYSWSTAFWVA
EVICAASTAAFFLLRAEEEKRKAEEEKRKAEEEKRKADLEDNWETLNDNLKVIEKADNAAQVKDALTKMRAAALDAQKAT
PPKLEDKSPDSPEMKDFRHGFDILVGQIDDALKLANEGKVKEAQAAAEQLKTTRNAYIQKYLSNSLEVLFQ
;
_entity_poly.pdbx_strand_id   A
#
# COMPACT_ATOMS: atom_id res chain seq x y z
N TYR A 8 3.02 -28.13 6.09
CA TYR A 8 3.43 -27.77 7.43
C TYR A 8 4.35 -26.55 7.43
N TYR A 9 5.56 -26.72 6.91
CA TYR A 9 6.51 -25.62 6.85
C TYR A 9 6.04 -24.52 5.91
N ARG A 10 5.39 -24.90 4.81
CA ARG A 10 4.81 -23.91 3.92
C ARG A 10 3.51 -23.33 4.46
N THR A 11 2.92 -23.95 5.48
CA THR A 11 1.79 -23.33 6.17
C THR A 11 2.29 -22.31 7.18
N VAL A 12 3.34 -22.66 7.94
CA VAL A 12 3.87 -21.75 8.94
C VAL A 12 4.58 -20.58 8.28
N ILE A 13 5.30 -20.84 7.18
CA ILE A 13 6.10 -19.82 6.50
C ILE A 13 5.22 -18.77 5.84
N PHE A 14 3.93 -19.06 5.68
CA PHE A 14 3.01 -18.14 5.07
C PHE A 14 1.97 -17.61 6.05
N SER A 15 1.73 -18.30 7.17
CA SER A 15 0.85 -17.77 8.20
C SER A 15 1.58 -16.84 9.16
N ALA A 16 2.87 -17.06 9.41
CA ALA A 16 3.63 -16.12 10.23
C ALA A 16 4.08 -14.90 9.45
N MET A 17 3.86 -14.90 8.14
CA MET A 17 4.14 -13.77 7.28
C MET A 17 2.89 -13.03 6.84
N PHE A 18 1.85 -13.77 6.46
CA PHE A 18 0.55 -13.17 6.15
C PHE A 18 -0.05 -12.49 7.37
N GLY A 19 0.16 -13.08 8.54
CA GLY A 19 -0.14 -12.43 9.80
C GLY A 19 0.96 -11.53 10.29
N GLY A 20 2.10 -11.51 9.61
CA GLY A 20 3.17 -10.62 9.96
C GLY A 20 3.15 -9.36 9.12
N TYR A 21 2.99 -9.52 7.81
CA TYR A 21 2.93 -8.35 6.93
C TYR A 21 1.61 -7.61 7.05
N SER A 22 0.58 -8.24 7.61
CA SER A 22 -0.62 -7.48 7.97
C SER A 22 -0.34 -6.55 9.14
N LEU A 23 0.61 -6.90 9.99
CA LEU A 23 1.09 -5.96 11.00
C LEU A 23 2.22 -5.09 10.46
N TYR A 24 2.57 -5.23 9.19
CA TYR A 24 3.24 -4.14 8.49
C TYR A 24 2.26 -3.16 7.86
N TYR A 25 1.27 -3.66 7.11
CA TYR A 25 0.37 -2.74 6.42
C TYR A 25 -0.61 -2.10 7.38
N PHE A 26 -0.91 -2.75 8.50
CA PHE A 26 -1.74 -2.14 9.53
C PHE A 26 -1.02 -0.99 10.22
N ASN A 27 0.31 -0.92 10.11
CA ASN A 27 1.08 0.17 10.69
C ASN A 27 1.74 1.08 9.68
N ARG A 28 1.70 0.74 8.40
CA ARG A 28 2.13 1.66 7.36
C ARG A 28 1.01 2.63 7.04
N LYS A 29 -0.22 2.27 7.38
CA LYS A 29 -1.38 3.13 7.21
C LYS A 29 -2.02 3.48 8.55
N THR A 30 -1.32 3.29 9.67
CA THR A 30 -1.94 3.60 10.94
C THR A 30 -1.89 5.08 11.28
N PHE A 31 -1.20 5.89 10.50
CA PHE A 31 -1.44 7.32 10.58
C PHE A 31 -2.69 7.69 9.80
N SER A 32 -3.02 6.91 8.78
CA SER A 32 -4.26 7.12 8.06
C SER A 32 -5.46 6.62 8.83
N PHE A 33 -5.26 5.65 9.72
CA PHE A 33 -6.40 5.04 10.39
C PHE A 33 -6.93 5.90 11.52
N VAL A 34 -6.05 6.65 12.18
CA VAL A 34 -6.46 7.54 13.25
C VAL A 34 -6.27 9.00 12.86
N MET A 35 -6.29 9.27 11.56
CA MET A 35 -6.34 10.63 11.04
C MET A 35 -7.44 11.54 11.62
N PRO A 36 -8.72 11.11 11.80
CA PRO A 36 -9.70 12.06 12.35
C PRO A 36 -9.44 12.45 13.79
N SER A 37 -9.01 11.52 14.64
CA SER A 37 -8.72 11.87 16.03
C SER A 37 -7.48 12.75 16.12
N LEU A 38 -6.49 12.52 15.26
CA LEU A 38 -5.30 13.36 15.23
C LEU A 38 -5.61 14.77 14.78
N VAL A 39 -6.56 14.93 13.85
CA VAL A 39 -6.89 16.28 13.43
C VAL A 39 -7.82 16.96 14.43
N GLU A 40 -8.74 16.20 15.06
CA GLU A 40 -9.69 16.82 15.99
C GLU A 40 -9.04 17.20 17.31
N GLU A 41 -8.05 16.43 17.76
CA GLU A 41 -7.46 16.77 19.06
C GLU A 41 -6.49 17.95 18.96
N ILE A 42 -5.56 17.91 18.01
CA ILE A 42 -4.57 18.96 17.82
C ILE A 42 -4.65 19.45 16.38
N PRO A 43 -4.60 20.76 16.15
CA PRO A 43 -4.76 21.28 14.78
C PRO A 43 -3.48 21.09 13.97
N LEU A 44 -3.61 20.47 12.80
CA LEU A 44 -2.50 20.30 11.88
C LEU A 44 -2.89 20.86 10.52
N ASP A 45 -1.90 21.41 9.82
CA ASP A 45 -2.09 21.79 8.44
C ASP A 45 -2.31 20.55 7.57
N LYS A 46 -3.03 20.74 6.47
CA LYS A 46 -3.10 19.69 5.47
C LYS A 46 -1.75 19.50 4.81
N ASP A 47 -0.96 20.58 4.70
CA ASP A 47 0.44 20.44 4.32
C ASP A 47 1.23 19.65 5.35
N ASP A 48 0.88 19.76 6.63
CA ASP A 48 1.60 18.97 7.64
C ASP A 48 1.28 17.48 7.52
N LEU A 49 0.01 17.15 7.30
CA LEU A 49 -0.39 15.76 7.12
C LEU A 49 0.20 15.18 5.84
N GLY A 50 0.17 15.96 4.76
CA GLY A 50 0.79 15.54 3.52
C GLY A 50 2.30 15.42 3.64
N PHE A 51 2.93 16.24 4.48
CA PHE A 51 4.36 16.13 4.72
C PHE A 51 4.69 14.85 5.48
N ILE A 52 3.83 14.46 6.41
CA ILE A 52 4.02 13.20 7.12
C ILE A 52 3.91 12.00 6.18
N THR A 53 2.82 11.94 5.42
CA THR A 53 2.66 10.79 4.53
C THR A 53 3.60 10.84 3.33
N SER A 54 4.16 12.00 2.99
CA SER A 54 5.19 12.02 1.97
C SER A 54 6.56 11.65 2.51
N SER A 55 6.83 11.93 3.79
CA SER A 55 8.03 11.36 4.41
C SER A 55 7.94 9.84 4.43
N GLN A 56 6.74 9.31 4.70
CA GLN A 56 6.47 7.88 4.54
C GLN A 56 6.78 7.38 3.15
N SER A 57 6.22 8.01 2.13
CA SER A 57 6.36 7.49 0.77
C SER A 57 7.80 7.63 0.26
N ALA A 58 8.49 8.72 0.60
CA ALA A 58 9.86 8.87 0.15
C ALA A 58 10.80 7.91 0.86
N ALA A 59 10.58 7.70 2.17
CA ALA A 59 11.39 6.75 2.91
C ALA A 59 11.12 5.32 2.46
N TYR A 60 9.87 5.02 2.13
CA TYR A 60 9.52 3.70 1.65
C TYR A 60 10.07 3.47 0.24
N ALA A 61 10.16 4.53 -0.57
CA ALA A 61 10.81 4.41 -1.88
C ALA A 61 12.28 4.08 -1.75
N ILE A 62 13.00 4.85 -0.93
CA ILE A 62 14.45 4.65 -0.78
C ILE A 62 14.74 3.29 -0.16
N SER A 63 13.97 2.90 0.85
CA SER A 63 14.26 1.63 1.49
C SER A 63 13.78 0.43 0.67
N LYS A 64 12.72 0.59 -0.14
CA LYS A 64 12.34 -0.45 -1.09
C LYS A 64 13.42 -0.66 -2.13
N PHE A 65 14.01 0.42 -2.64
CA PHE A 65 15.01 0.28 -3.68
C PHE A 65 16.34 -0.24 -3.13
N VAL A 66 16.65 0.04 -1.87
CA VAL A 66 17.88 -0.49 -1.30
C VAL A 66 17.70 -1.93 -0.79
N SER A 67 16.51 -2.29 -0.28
CA SER A 67 16.28 -3.63 0.23
C SER A 67 16.23 -4.68 -0.88
N GLY A 68 15.98 -4.28 -2.13
CA GLY A 68 16.10 -5.21 -3.23
C GLY A 68 17.52 -5.69 -3.47
N VAL A 69 18.50 -4.89 -3.09
CA VAL A 69 19.89 -5.32 -3.12
C VAL A 69 20.29 -5.97 -1.79
N LEU A 70 19.73 -5.46 -0.68
CA LEU A 70 20.01 -6.05 0.64
C LEU A 70 19.46 -7.45 0.80
N SER A 71 18.47 -7.85 -0.01
CA SER A 71 18.03 -9.24 -0.02
C SER A 71 19.11 -10.14 -0.58
N ASP A 72 19.84 -9.67 -1.59
CA ASP A 72 20.99 -10.42 -2.10
C ASP A 72 22.14 -10.40 -1.11
N GLN A 73 22.37 -9.26 -0.45
CA GLN A 73 23.48 -9.19 0.50
C GLN A 73 23.16 -9.90 1.81
N MET A 74 22.01 -9.63 2.40
CA MET A 74 21.71 -10.06 3.76
C MET A 74 20.45 -10.93 3.76
N SER A 75 20.31 -11.74 4.81
CA SER A 75 19.22 -12.70 4.95
C SER A 75 17.87 -12.00 5.08
N ALA A 76 16.81 -12.80 5.03
CA ALA A 76 15.46 -12.28 4.93
C ALA A 76 14.65 -12.39 6.20
N ARG A 77 14.87 -13.42 7.03
CA ARG A 77 14.16 -13.47 8.31
C ARG A 77 14.68 -12.43 9.27
N TRP A 78 15.97 -12.10 9.19
CA TRP A 78 16.55 -11.13 10.10
C TRP A 78 16.08 -9.71 9.79
N LEU A 79 16.03 -9.35 8.50
CA LEU A 79 15.53 -8.04 8.11
C LEU A 79 14.04 -7.90 8.42
N PHE A 80 13.26 -8.96 8.19
CA PHE A 80 11.83 -8.93 8.45
C PHE A 80 11.55 -8.76 9.94
N SER A 81 12.23 -9.55 10.77
CA SER A 81 12.02 -9.45 12.22
C SER A 81 12.54 -8.12 12.77
N SER A 82 13.69 -7.66 12.30
CA SER A 82 14.26 -6.40 12.79
C SER A 82 13.42 -5.21 12.35
N GLY A 83 12.93 -5.22 11.12
CA GLY A 83 12.06 -4.15 10.66
C GLY A 83 10.70 -4.18 11.35
N LEU A 84 10.22 -5.36 11.72
CA LEU A 84 8.94 -5.44 12.42
C LEU A 84 9.07 -4.91 13.85
N LEU A 85 10.19 -5.24 14.51
CA LEU A 85 10.47 -4.64 15.81
C LEU A 85 10.71 -3.14 15.71
N LEU A 86 11.27 -2.68 14.61
CA LEU A 86 11.49 -1.25 14.41
C LEU A 86 10.17 -0.52 14.18
N VAL A 87 9.25 -1.13 13.41
CA VAL A 87 7.91 -0.57 13.23
C VAL A 87 7.17 -0.49 14.57
N GLY A 88 7.32 -1.54 15.38
CA GLY A 88 6.71 -1.52 16.71
C GLY A 88 7.24 -0.40 17.59
N LEU A 89 8.56 -0.24 17.65
CA LEU A 89 9.15 0.85 18.44
C LEU A 89 8.81 2.22 17.88
N VAL A 90 8.71 2.33 16.55
CA VAL A 90 8.35 3.59 15.91
C VAL A 90 6.94 4.00 16.28
N ASN A 91 5.99 3.07 16.24
CA ASN A 91 4.62 3.44 16.59
C ASN A 91 4.45 3.70 18.08
N ILE A 92 5.22 3.00 18.92
CA ILE A 92 5.20 3.28 20.36
C ILE A 92 5.69 4.69 20.63
N PHE A 93 6.84 5.07 20.06
CA PHE A 93 7.30 6.45 20.22
C PHE A 93 6.43 7.46 19.48
N PHE A 94 5.67 7.02 18.47
CA PHE A 94 4.79 7.92 17.74
C PHE A 94 3.55 8.24 18.54
N ALA A 95 3.11 7.32 19.39
CA ALA A 95 1.99 7.63 20.28
C ALA A 95 2.41 8.57 21.41
N TRP A 96 3.64 8.42 21.91
CA TRP A 96 4.10 9.32 22.97
C TRP A 96 4.43 10.71 22.43
N SER A 97 4.76 10.81 21.14
CA SER A 97 5.08 12.09 20.55
C SER A 97 3.82 12.89 20.25
N SER A 98 3.98 14.21 20.14
CA SER A 98 2.81 15.07 20.02
C SER A 98 2.91 16.17 18.97
N THR A 99 4.09 16.52 18.48
CA THR A 99 4.24 17.62 17.54
C THR A 99 4.57 17.10 16.15
N VAL A 100 4.31 17.93 15.14
CA VAL A 100 4.42 17.48 13.75
C VAL A 100 5.84 17.28 13.21
N PRO A 101 6.93 17.97 13.63
CA PRO A 101 8.24 17.55 13.10
C PRO A 101 8.69 16.19 13.60
N VAL A 102 8.46 15.87 14.87
CA VAL A 102 8.81 14.55 15.36
C VAL A 102 7.84 13.49 14.85
N PHE A 103 6.59 13.89 14.52
CA PHE A 103 5.70 13.01 13.77
C PHE A 103 6.30 12.64 12.43
N ALA A 104 6.80 13.64 11.71
CA ALA A 104 7.41 13.38 10.40
C ALA A 104 8.68 12.57 10.52
N ALA A 105 9.47 12.79 11.58
CA ALA A 105 10.71 12.05 11.75
C ALA A 105 10.45 10.58 12.08
N LEU A 106 9.56 10.33 13.04
CA LEU A 106 9.22 8.95 13.38
C LEU A 106 8.50 8.26 12.24
N TRP A 107 7.73 8.99 11.45
CA TRP A 107 7.06 8.35 10.35
C TRP A 107 8.00 8.14 9.15
N PHE A 108 9.06 8.94 9.07
CA PHE A 108 10.15 8.67 8.13
C PHE A 108 10.91 7.41 8.51
N LEU A 109 11.15 7.22 9.81
CA LEU A 109 11.74 5.95 10.26
C LEU A 109 10.79 4.79 10.01
N ASN A 110 9.47 5.02 10.09
CA ASN A 110 8.52 3.97 9.73
C ASN A 110 8.59 3.65 8.25
N GLY A 111 8.83 4.66 7.40
CA GLY A 111 8.98 4.39 5.98
C GLY A 111 10.22 3.57 5.66
N LEU A 112 11.36 3.92 6.30
CA LEU A 112 12.57 3.10 6.17
C LEU A 112 12.35 1.67 6.68
N ALA A 113 11.58 1.52 7.76
CA ALA A 113 11.37 0.20 8.32
C ALA A 113 10.42 -0.62 7.46
N GLN A 114 9.40 0.01 6.89
CA GLN A 114 8.48 -0.68 5.98
C GLN A 114 9.17 -1.08 4.68
N GLY A 115 10.16 -0.31 4.25
CA GLY A 115 10.87 -0.72 3.04
C GLY A 115 11.79 -1.91 3.23
N LEU A 116 12.24 -2.17 4.46
CA LEU A 116 13.19 -3.25 4.72
C LEU A 116 12.52 -4.57 5.01
N GLY A 117 11.22 -4.71 4.76
CA GLY A 117 10.57 -5.94 5.16
C GLY A 117 9.82 -6.69 4.08
N TRP A 118 9.37 -5.99 3.06
CA TRP A 118 8.59 -6.64 2.01
C TRP A 118 9.46 -7.38 0.98
N PRO A 119 10.60 -6.87 0.51
CA PRO A 119 11.50 -7.74 -0.29
C PRO A 119 12.14 -8.88 0.50
N PRO A 120 12.31 -8.79 1.83
CA PRO A 120 12.56 -10.05 2.55
C PRO A 120 11.43 -11.06 2.48
N CYS A 121 10.17 -10.62 2.44
CA CYS A 121 9.09 -11.55 2.15
C CYS A 121 9.20 -12.09 0.74
N GLY A 122 9.70 -11.27 -0.19
CA GLY A 122 9.96 -11.76 -1.53
C GLY A 122 11.04 -12.84 -1.58
N LYS A 123 12.08 -12.69 -0.76
CA LYS A 123 13.13 -13.69 -0.74
C LYS A 123 12.67 -14.96 -0.03
N VAL A 124 11.84 -14.83 1.01
CA VAL A 124 11.33 -16.02 1.70
C VAL A 124 10.37 -16.79 0.80
N LEU A 125 9.39 -16.09 0.21
CA LEU A 125 8.42 -16.76 -0.64
C LEU A 125 9.01 -17.16 -1.98
N ARG A 126 10.15 -16.58 -2.35
CA ARG A 126 10.87 -17.01 -3.54
C ARG A 126 11.66 -18.29 -3.30
N LYS A 127 12.00 -18.59 -2.05
CA LYS A 127 12.83 -19.74 -1.71
C LYS A 127 12.08 -20.80 -0.90
N TRP A 128 10.75 -20.80 -0.95
CA TRP A 128 9.96 -21.86 -0.34
C TRP A 128 8.89 -22.41 -1.26
N PHE A 129 8.68 -21.80 -2.42
CA PHE A 129 7.68 -22.26 -3.35
C PHE A 129 8.31 -22.42 -4.72
N GLU A 130 7.65 -23.20 -5.57
CA GLU A 130 8.13 -23.39 -6.93
C GLU A 130 7.98 -22.08 -7.71
N PRO A 131 8.86 -21.84 -8.69
CA PRO A 131 8.75 -20.60 -9.49
C PRO A 131 7.50 -20.52 -10.34
N SER A 132 6.82 -21.64 -10.62
CA SER A 132 5.52 -21.55 -11.25
C SER A 132 4.47 -21.04 -10.27
N GLN A 133 4.63 -21.35 -8.99
CA GLN A 133 3.72 -20.90 -7.95
C GLN A 133 4.21 -19.66 -7.23
N PHE A 134 4.96 -18.80 -7.92
CA PHE A 134 5.25 -17.50 -7.32
C PHE A 134 4.03 -16.61 -7.37
N GLY A 135 3.23 -16.72 -8.42
CA GLY A 135 2.17 -15.75 -8.66
C GLY A 135 1.01 -15.86 -7.69
N THR A 136 0.54 -17.09 -7.47
CA THR A 136 -0.64 -17.25 -6.61
C THR A 136 -0.32 -17.01 -5.15
N TRP A 137 0.87 -17.39 -4.70
CA TRP A 137 1.24 -17.09 -3.31
C TRP A 137 1.60 -15.62 -3.14
N TRP A 138 2.13 -14.98 -4.19
CA TRP A 138 2.30 -13.54 -4.13
C TRP A 138 0.97 -12.81 -4.06
N ALA A 139 -0.04 -13.31 -4.78
CA ALA A 139 -1.36 -12.66 -4.74
C ALA A 139 -2.02 -12.84 -3.37
N ILE A 140 -1.88 -14.04 -2.78
CA ILE A 140 -2.47 -14.24 -1.47
C ILE A 140 -1.72 -13.43 -0.40
N LEU A 141 -0.40 -13.28 -0.54
CA LEU A 141 0.32 -12.42 0.39
C LEU A 141 0.08 -10.94 0.12
N SER A 142 -0.29 -10.57 -1.09
CA SER A 142 -0.64 -9.20 -1.38
C SER A 142 -2.06 -8.87 -0.95
N THR A 143 -2.89 -9.88 -0.71
CA THR A 143 -4.17 -9.63 -0.04
C THR A 143 -4.02 -9.38 1.44
N SER A 144 -2.82 -9.50 2.01
CA SER A 144 -2.60 -9.10 3.39
C SER A 144 -2.76 -7.61 3.59
N MET A 145 -2.40 -6.81 2.57
CA MET A 145 -2.67 -5.38 2.62
C MET A 145 -4.16 -5.11 2.65
N ASN A 146 -4.93 -5.85 1.84
CA ASN A 146 -6.37 -5.62 1.81
C ASN A 146 -7.03 -6.09 3.09
N LEU A 147 -6.53 -7.18 3.68
CA LEU A 147 -7.05 -7.65 4.97
C LEU A 147 -6.74 -6.66 6.09
N ALA A 148 -5.51 -6.14 6.13
CA ALA A 148 -5.12 -5.20 7.16
C ALA A 148 -5.86 -3.89 7.02
N GLY A 149 -5.97 -3.37 5.80
CA GLY A 149 -6.73 -2.16 5.58
C GLY A 149 -8.24 -2.33 5.61
N GLY A 150 -8.72 -3.58 5.63
CA GLY A 150 -10.13 -3.79 5.81
C GLY A 150 -10.50 -3.88 7.26
N LEU A 151 -9.67 -4.55 8.06
CA LEU A 151 -9.90 -4.62 9.50
C LEU A 151 -9.30 -3.46 10.26
N GLY A 152 -8.59 -2.56 9.59
CA GLY A 152 -7.98 -1.42 10.23
C GLY A 152 -8.89 -0.32 10.71
N PRO A 153 -9.48 0.43 9.77
CA PRO A 153 -10.17 1.68 10.16
C PRO A 153 -11.43 1.46 10.97
N ILE A 154 -12.09 0.31 10.81
CA ILE A 154 -13.23 -0.03 11.65
C ILE A 154 -12.79 -0.14 13.11
N LEU A 155 -11.68 -0.84 13.35
CA LEU A 155 -11.13 -0.95 14.70
C LEU A 155 -10.60 0.38 15.19
N ALA A 156 -10.01 1.18 14.30
CA ALA A 156 -9.46 2.47 14.68
C ALA A 156 -10.55 3.45 15.10
N THR A 157 -11.70 3.39 14.44
CA THR A 157 -12.81 4.26 14.83
C THR A 157 -13.53 3.72 16.05
N ILE A 158 -13.80 2.41 16.11
CA ILE A 158 -14.55 1.87 17.24
C ILE A 158 -13.71 1.81 18.51
N LEU A 159 -12.39 1.94 18.42
CA LEU A 159 -11.55 2.05 19.61
C LEU A 159 -11.14 3.49 19.89
N ALA A 160 -10.99 4.32 18.85
CA ALA A 160 -10.59 5.69 19.05
C ALA A 160 -11.72 6.53 19.66
N GLN A 161 -12.97 6.22 19.33
CA GLN A 161 -14.09 6.92 19.96
C GLN A 161 -14.26 6.48 21.41
N SER A 162 -13.82 5.26 21.74
CA SER A 162 -13.97 4.73 23.08
C SER A 162 -12.79 5.04 23.99
N TYR A 163 -11.55 4.85 23.55
CA TYR A 163 -10.41 5.12 24.42
C TYR A 163 -9.53 6.27 23.97
N SER A 164 -8.88 6.17 22.80
CA SER A 164 -7.87 7.12 22.33
C SER A 164 -7.36 6.74 20.95
N TRP A 165 -6.64 7.67 20.30
CA TRP A 165 -5.80 7.26 19.17
C TRP A 165 -4.44 6.79 19.68
N ARG A 166 -3.99 7.34 20.81
CA ARG A 166 -2.72 6.92 21.38
C ARG A 166 -2.78 5.50 21.90
N SER A 167 -3.95 5.08 22.40
CA SER A 167 -4.09 3.71 22.88
C SER A 167 -4.13 2.71 21.73
N THR A 168 -4.81 3.06 20.64
CA THR A 168 -4.80 2.18 19.48
C THR A 168 -3.59 2.37 18.59
N LEU A 169 -2.64 3.22 18.96
CA LEU A 169 -1.29 3.11 18.45
C LEU A 169 -0.37 2.31 19.36
N ALA A 170 -0.51 2.46 20.68
CA ALA A 170 0.33 1.71 21.61
C ALA A 170 0.03 0.23 21.59
N LEU A 171 -1.25 -0.14 21.42
CA LEU A 171 -1.62 -1.54 21.31
C LEU A 171 -1.06 -2.16 20.03
N SER A 172 -1.11 -1.42 18.92
CA SER A 172 -0.56 -1.92 17.66
C SER A 172 0.96 -2.02 17.72
N GLY A 173 1.61 -1.07 18.38
CA GLY A 173 3.06 -1.12 18.53
C GLY A 173 3.50 -2.28 19.40
N ALA A 174 2.80 -2.53 20.52
CA ALA A 174 3.13 -3.66 21.37
C ALA A 174 2.84 -4.99 20.66
N LEU A 175 1.77 -5.03 19.86
CA LEU A 175 1.47 -6.23 19.09
C LEU A 175 2.54 -6.51 18.05
N CYS A 176 3.09 -5.45 17.44
CA CYS A 176 4.15 -5.65 16.47
C CYS A 176 5.46 -6.04 17.14
N VAL A 177 5.74 -5.55 18.34
CA VAL A 177 6.93 -5.99 19.07
C VAL A 177 6.81 -7.47 19.44
N VAL A 178 5.62 -7.88 19.90
CA VAL A 178 5.40 -9.29 20.26
C VAL A 178 5.50 -10.19 19.04
N VAL A 179 4.88 -9.80 17.92
CA VAL A 179 4.97 -10.65 16.73
C VAL A 179 6.34 -10.54 16.06
N SER A 180 7.14 -9.52 16.37
CA SER A 180 8.52 -9.50 15.90
C SER A 180 9.37 -10.50 16.67
N PHE A 181 9.17 -10.58 17.99
CA PHE A 181 9.81 -11.65 18.75
C PHE A 181 9.29 -13.03 18.35
N LEU A 182 8.07 -13.12 17.82
CA LEU A 182 7.60 -14.37 17.24
C LEU A 182 8.31 -14.68 15.92
N CYS A 183 8.37 -13.69 15.02
CA CYS A 183 8.97 -13.88 13.70
C CYS A 183 10.49 -13.99 13.74
N LEU A 184 11.12 -13.71 14.87
CA LEU A 184 12.51 -14.13 15.06
C LEU A 184 12.66 -15.64 15.01
N LEU A 185 11.63 -16.39 15.42
CA LEU A 185 11.72 -17.84 15.57
C LEU A 185 10.78 -18.62 14.66
N LEU A 186 9.76 -17.99 14.07
CA LEU A 186 8.80 -18.76 13.28
C LEU A 186 9.29 -19.02 11.87
N ILE A 187 9.54 -17.96 11.10
CA ILE A 187 9.88 -18.15 9.69
C ILE A 187 11.36 -18.51 9.56
N HIS A 188 11.71 -19.02 8.39
CA HIS A 188 13.06 -19.46 8.07
C HIS A 188 13.43 -18.94 6.69
N ASN A 189 14.68 -18.46 6.56
CA ASN A 189 15.12 -17.86 5.31
C ASN A 189 15.51 -18.90 4.27
N GLU A 190 16.05 -20.03 4.70
CA GLU A 190 16.58 -21.03 3.79
C GLU A 190 16.20 -22.42 4.30
N PRO A 191 15.53 -23.25 3.50
CA PRO A 191 15.18 -24.60 3.95
C PRO A 191 16.37 -25.50 4.14
N ALA A 192 17.51 -25.20 3.52
CA ALA A 192 18.73 -25.98 3.73
C ALA A 192 19.36 -25.71 5.09
N ASP A 193 18.97 -24.63 5.76
CA ASP A 193 19.42 -24.41 7.13
C ASP A 193 18.80 -25.45 8.06
N VAL A 194 17.53 -25.79 7.85
CA VAL A 194 16.87 -26.83 8.61
C VAL A 194 16.86 -28.16 7.89
N GLY A 195 17.37 -28.22 6.66
CA GLY A 195 17.54 -29.46 5.94
C GLY A 195 16.25 -30.11 5.51
N LEU A 196 15.54 -29.48 4.56
CA LEU A 196 14.25 -29.98 4.11
C LEU A 196 14.18 -30.13 2.60
N ARG A 197 15.28 -30.60 2.00
CA ARG A 197 15.40 -30.88 0.56
C ARG A 197 15.11 -29.62 -0.27
N ASN A 198 16.07 -28.71 -0.19
CA ASN A 198 16.00 -27.43 -0.91
C ASN A 198 15.82 -27.65 -2.40
N LEU A 199 15.02 -26.80 -3.02
CA LEU A 199 14.65 -26.90 -4.41
C LEU A 199 15.53 -25.99 -5.25
N ASP A 200 15.17 -25.85 -6.53
CA ASP A 200 15.87 -24.95 -7.45
C ASP A 200 15.63 -23.50 -7.04
N SER A 215 25.59 -1.52 -20.84
CA SER A 215 25.21 -2.86 -20.44
C SER A 215 23.76 -3.15 -20.78
N THR A 216 23.29 -4.35 -20.43
CA THR A 216 21.87 -4.67 -20.56
C THR A 216 21.03 -3.98 -19.49
N LEU A 217 21.65 -3.47 -18.44
CA LEU A 217 20.94 -2.67 -17.46
C LEU A 217 20.48 -1.35 -18.06
N GLN A 218 21.37 -0.67 -18.80
CA GLN A 218 21.03 0.62 -19.41
C GLN A 218 20.00 0.46 -20.51
N GLU A 219 19.97 -0.68 -21.19
CA GLU A 219 18.87 -0.96 -22.09
C GLU A 219 17.57 -1.14 -21.33
N LEU A 220 17.63 -1.75 -20.14
CA LEU A 220 16.41 -1.93 -19.35
C LEU A 220 15.91 -0.61 -18.79
N LEU A 221 16.81 0.30 -18.42
CA LEU A 221 16.37 1.63 -18.05
C LEU A 221 15.91 2.43 -19.26
N LEU A 222 16.43 2.12 -20.44
CA LEU A 222 15.99 2.79 -21.67
C LEU A 222 14.99 1.97 -22.47
N SER A 223 14.34 1.00 -21.84
CA SER A 223 13.29 0.28 -22.53
C SER A 223 11.96 1.00 -22.36
N PRO A 224 11.19 1.18 -23.43
CA PRO A 224 9.99 2.01 -23.32
C PRO A 224 8.86 1.34 -22.57
N TYR A 225 8.78 0.01 -22.61
CA TYR A 225 7.68 -0.67 -21.95
C TYR A 225 7.81 -0.58 -20.43
N LEU A 226 9.04 -0.54 -19.92
CA LEU A 226 9.23 -0.36 -18.49
C LEU A 226 8.80 1.02 -18.04
N TRP A 227 9.06 2.05 -18.85
CA TRP A 227 8.65 3.40 -18.47
C TRP A 227 7.14 3.57 -18.54
N VAL A 228 6.50 2.99 -19.56
CA VAL A 228 5.04 3.07 -19.64
C VAL A 228 4.39 2.30 -18.49
N LEU A 229 4.91 1.10 -18.19
CA LEU A 229 4.44 0.31 -17.05
C LEU A 229 4.68 1.02 -15.73
N SER A 230 5.80 1.73 -15.62
CA SER A 230 6.16 2.36 -14.36
C SER A 230 5.37 3.64 -14.13
N THR A 231 5.11 4.44 -15.17
CA THR A 231 4.25 5.59 -14.97
C THR A 231 2.79 5.19 -14.80
N GLY A 232 2.39 4.05 -15.40
CA GLY A 232 1.06 3.54 -15.13
C GLY A 232 0.90 3.07 -13.69
N TYR A 233 1.89 2.36 -13.16
CA TYR A 233 1.81 1.93 -11.78
C TYR A 233 2.05 3.09 -10.82
N LEU A 234 2.78 4.11 -11.27
CA LEU A 234 2.89 5.38 -10.55
C LEU A 234 1.52 6.02 -10.38
N VAL A 235 0.78 6.19 -11.48
CA VAL A 235 -0.48 6.92 -11.37
C VAL A 235 -1.55 6.05 -10.71
N VAL A 236 -1.49 4.72 -10.85
CA VAL A 236 -2.47 3.87 -10.17
C VAL A 236 -2.20 3.85 -8.67
N PHE A 237 -0.94 3.70 -8.26
CA PHE A 237 -0.63 3.71 -6.84
C PHE A 237 -0.79 5.11 -6.25
N GLY A 238 -0.63 6.15 -7.07
CA GLY A 238 -0.84 7.50 -6.57
C GLY A 238 -2.31 7.81 -6.37
N VAL A 239 -3.17 7.41 -7.31
CA VAL A 239 -4.60 7.58 -7.14
C VAL A 239 -5.12 6.72 -6.00
N LYS A 240 -4.57 5.51 -5.84
CA LYS A 240 -5.00 4.66 -4.73
C LYS A 240 -4.53 5.23 -3.40
N THR A 241 -3.33 5.81 -3.35
CA THR A 241 -2.85 6.38 -2.11
C THR A 241 -3.61 7.66 -1.76
N CYS A 242 -3.94 8.47 -2.77
CA CYS A 242 -4.82 9.62 -2.57
C CYS A 242 -6.16 9.20 -2.02
N CYS A 243 -6.81 8.24 -2.67
CA CYS A 243 -8.17 7.88 -2.26
C CYS A 243 -8.17 7.14 -0.93
N THR A 244 -7.17 6.28 -0.68
CA THR A 244 -7.07 5.60 0.60
C THR A 244 -6.77 6.57 1.73
N ASP A 245 -5.62 7.26 1.66
CA ASP A 245 -5.20 8.11 2.77
C ASP A 245 -5.99 9.42 2.86
N TRP A 246 -6.88 9.73 1.91
CA TRP A 246 -7.57 11.01 1.98
C TRP A 246 -9.05 10.95 1.68
N GLY A 247 -9.63 9.79 1.37
CA GLY A 247 -11.03 9.76 1.03
C GLY A 247 -11.91 9.93 2.24
N GLN A 248 -11.54 9.28 3.35
CA GLN A 248 -12.27 9.48 4.59
C GLN A 248 -12.15 10.92 5.08
N PHE A 249 -11.02 11.56 4.81
CA PHE A 249 -10.85 12.93 5.25
C PHE A 249 -11.63 13.88 4.35
N PHE A 250 -11.75 13.51 3.07
CA PHE A 250 -12.64 14.20 2.14
C PHE A 250 -14.09 14.09 2.59
N LEU A 251 -14.50 12.92 3.04
CA LEU A 251 -15.88 12.72 3.47
C LEU A 251 -16.17 13.42 4.78
N ILE A 252 -15.17 13.58 5.63
CA ILE A 252 -15.38 14.28 6.90
C ILE A 252 -15.41 15.79 6.68
N GLN A 253 -14.44 16.34 5.96
CA GLN A 253 -14.33 17.80 5.95
C GLN A 253 -15.10 18.50 4.84
N GLU A 254 -15.53 17.82 3.79
CA GLU A 254 -16.37 18.49 2.81
C GLU A 254 -17.77 17.90 2.68
N LYS A 255 -17.87 16.59 2.47
CA LYS A 255 -19.16 15.99 2.15
C LYS A 255 -20.04 15.74 3.37
N GLY A 256 -19.62 16.16 4.56
CA GLY A 256 -20.47 16.08 5.73
C GLY A 256 -20.69 14.70 6.30
N GLN A 257 -19.92 13.71 5.88
CA GLN A 257 -20.07 12.40 6.47
C GLN A 257 -19.38 12.35 7.83
N SER A 258 -19.75 11.35 8.61
CA SER A 258 -19.11 11.13 9.91
C SER A 258 -17.80 10.38 9.72
N ALA A 259 -17.05 10.25 10.82
CA ALA A 259 -15.80 9.51 10.76
C ALA A 259 -16.04 8.02 10.56
N LEU A 260 -17.18 7.52 11.03
CA LEU A 260 -17.51 6.11 10.84
C LEU A 260 -17.77 5.79 9.38
N VAL A 261 -18.44 6.70 8.66
CA VAL A 261 -18.73 6.49 7.24
C VAL A 261 -17.44 6.52 6.43
N GLY A 262 -16.52 7.42 6.78
CA GLY A 262 -15.26 7.48 6.05
C GLY A 262 -14.36 6.29 6.35
N SER A 263 -14.32 5.85 7.61
CA SER A 263 -13.53 4.68 7.94
C SER A 263 -14.11 3.44 7.29
N SER A 264 -15.43 3.36 7.18
CA SER A 264 -16.03 2.26 6.45
C SER A 264 -15.82 2.42 4.95
N TYR A 265 -15.58 3.64 4.46
CA TYR A 265 -15.20 3.81 3.06
C TYR A 265 -13.81 3.27 2.79
N MET A 266 -12.86 3.53 3.70
CA MET A 266 -11.55 2.87 3.62
C MET A 266 -11.68 1.35 3.66
N SER A 267 -12.55 0.85 4.54
CA SER A 267 -12.72 -0.59 4.68
C SER A 267 -13.37 -1.19 3.44
N ALA A 268 -14.34 -0.50 2.85
CA ALA A 268 -14.95 -0.99 1.61
C ALA A 268 -14.00 -0.89 0.44
N LEU A 269 -13.10 0.11 0.46
CA LEU A 269 -12.05 0.19 -0.54
C LEU A 269 -11.11 -1.01 -0.43
N GLU A 270 -10.78 -1.42 0.77
CA GLU A 270 -9.85 -2.54 0.88
C GLU A 270 -10.53 -3.89 0.70
N VAL A 271 -11.83 -4.00 0.99
CA VAL A 271 -12.56 -5.24 0.67
C VAL A 271 -12.71 -5.37 -0.84
N GLY A 272 -13.02 -4.27 -1.52
CA GLY A 272 -12.97 -4.26 -2.97
C GLY A 272 -11.59 -4.54 -3.51
N GLY A 273 -10.54 -4.11 -2.81
CA GLY A 273 -9.19 -4.45 -3.23
C GLY A 273 -8.85 -5.91 -3.05
N LEU A 274 -9.39 -6.55 -2.01
CA LEU A 274 -9.25 -8.00 -1.85
C LEU A 274 -9.90 -8.74 -3.00
N VAL A 275 -11.14 -8.35 -3.34
CA VAL A 275 -11.84 -8.96 -4.46
C VAL A 275 -11.12 -8.67 -5.78
N GLY A 276 -10.47 -7.51 -5.87
CA GLY A 276 -9.76 -7.18 -7.10
C GLY A 276 -8.48 -7.97 -7.27
N SER A 277 -7.61 -7.97 -6.25
CA SER A 277 -6.34 -8.66 -6.35
C SER A 277 -6.47 -10.17 -6.30
N ILE A 278 -7.60 -10.71 -5.82
CA ILE A 278 -7.86 -12.12 -6.04
C ILE A 278 -8.37 -12.37 -7.46
N ALA A 279 -9.37 -11.61 -7.90
CA ALA A 279 -9.90 -11.80 -9.24
C ALA A 279 -9.12 -11.07 -10.32
N ALA A 280 -7.91 -10.59 -10.03
CA ALA A 280 -6.98 -10.24 -11.09
C ALA A 280 -6.14 -11.45 -11.49
N GLY A 281 -6.20 -12.53 -10.72
CA GLY A 281 -5.51 -13.75 -11.05
C GLY A 281 -6.35 -14.67 -11.91
N TYR A 282 -7.65 -14.75 -11.61
CA TYR A 282 -8.55 -15.52 -12.46
C TYR A 282 -8.72 -14.87 -13.82
N LEU A 283 -9.00 -13.57 -13.84
CA LEU A 283 -9.32 -12.87 -15.07
C LEU A 283 -8.11 -12.60 -15.95
N SER A 284 -6.89 -12.78 -15.42
CA SER A 284 -5.73 -12.69 -16.29
C SER A 284 -5.57 -13.96 -17.12
N ASP A 285 -5.78 -15.12 -16.49
CA ASP A 285 -5.63 -16.39 -17.19
C ASP A 285 -6.90 -16.72 -17.98
N ASN A 298 -1.38 -7.69 -26.32
CA ASN A 298 -1.38 -8.38 -25.05
C ASN A 298 -2.78 -8.38 -24.46
N PRO A 299 -3.37 -9.57 -24.27
CA PRO A 299 -4.76 -9.63 -23.79
C PRO A 299 -4.93 -9.24 -22.34
N ARG A 300 -3.87 -9.29 -21.53
CA ARG A 300 -3.96 -8.82 -20.15
C ARG A 300 -4.04 -7.31 -20.09
N HIS A 301 -3.47 -6.64 -21.10
CA HIS A 301 -3.44 -5.18 -21.15
C HIS A 301 -4.84 -4.60 -21.32
N GLY A 302 -5.73 -5.33 -21.99
CA GLY A 302 -7.09 -4.86 -22.16
C GLY A 302 -7.92 -4.96 -20.90
N LEU A 303 -7.77 -6.06 -20.16
CA LEU A 303 -8.34 -6.17 -18.81
C LEU A 303 -7.84 -5.06 -17.91
N LEU A 304 -6.54 -4.77 -17.98
CA LEU A 304 -5.94 -3.72 -17.17
C LEU A 304 -6.50 -2.35 -17.52
N LEU A 305 -6.71 -2.08 -18.81
CA LEU A 305 -7.20 -0.76 -19.18
C LEU A 305 -8.70 -0.59 -18.90
N PHE A 306 -9.50 -1.65 -19.08
CA PHE A 306 -10.89 -1.60 -18.64
C PHE A 306 -10.98 -1.39 -17.14
N MET A 307 -10.05 -1.97 -16.39
CA MET A 307 -10.08 -1.84 -14.94
C MET A 307 -9.61 -0.45 -14.49
N MET A 308 -8.63 0.14 -15.17
CA MET A 308 -8.28 1.54 -14.87
C MET A 308 -9.38 2.51 -15.30
N ALA A 309 -10.10 2.20 -16.38
CA ALA A 309 -11.24 3.04 -16.76
C ALA A 309 -12.36 2.95 -15.73
N GLY A 310 -12.57 1.75 -15.18
CA GLY A 310 -13.48 1.60 -14.06
C GLY A 310 -13.05 2.38 -12.84
N MET A 311 -11.74 2.45 -12.61
CA MET A 311 -11.21 3.26 -11.50
C MET A 311 -11.51 4.74 -11.70
N THR A 312 -11.30 5.24 -12.92
CA THR A 312 -11.55 6.65 -13.20
C THR A 312 -13.05 6.98 -13.10
N VAL A 313 -13.91 6.09 -13.61
CA VAL A 313 -15.34 6.35 -13.57
C VAL A 313 -15.87 6.25 -12.13
N SER A 314 -15.34 5.32 -11.33
CA SER A 314 -15.74 5.21 -9.94
C SER A 314 -15.29 6.42 -9.14
N MET A 315 -14.10 6.94 -9.43
CA MET A 315 -13.65 8.12 -8.70
C MET A 315 -14.39 9.38 -9.16
N TYR A 316 -14.85 9.41 -10.40
CA TYR A 316 -15.71 10.51 -10.84
C TYR A 316 -17.07 10.48 -10.16
N LEU A 317 -17.64 9.28 -10.01
CA LEU A 317 -18.88 9.13 -9.26
C LEU A 317 -18.69 9.51 -7.80
N PHE A 318 -17.54 9.17 -7.23
CA PHE A 318 -17.26 9.53 -5.85
C PHE A 318 -17.03 11.02 -5.69
N ARG A 319 -16.52 11.69 -6.72
CA ARG A 319 -16.34 13.13 -6.64
C ARG A 319 -17.66 13.87 -6.82
N VAL A 320 -18.57 13.35 -7.63
CA VAL A 320 -19.83 14.05 -7.93
C VAL A 320 -20.97 13.56 -7.06
N THR A 321 -21.24 12.26 -7.03
CA THR A 321 -22.54 11.78 -6.60
C THR A 321 -22.72 11.61 -5.10
N VAL A 322 -21.67 11.75 -4.30
CA VAL A 322 -21.85 11.60 -2.86
C VAL A 322 -22.39 12.89 -2.28
N THR A 323 -23.20 12.75 -1.24
CA THR A 323 -23.97 13.83 -0.66
C THR A 323 -24.21 13.46 0.80
N SER A 324 -24.48 14.47 1.63
CA SER A 324 -24.95 14.22 2.99
C SER A 324 -26.22 13.36 2.99
N ASP A 325 -27.13 13.63 2.06
CA ASP A 325 -28.34 12.81 1.96
C ASP A 325 -28.08 11.48 1.26
N SER A 326 -26.94 11.34 0.57
CA SER A 326 -26.65 10.12 -0.14
C SER A 326 -26.35 8.99 0.84
N PRO A 327 -26.89 7.80 0.60
CA PRO A 327 -26.83 6.75 1.62
C PRO A 327 -25.46 6.12 1.77
N LYS A 328 -25.29 5.44 2.90
CA LYS A 328 -24.02 4.79 3.24
C LYS A 328 -23.74 3.59 2.34
N LEU A 329 -24.79 2.87 1.93
CA LEU A 329 -24.62 1.68 1.10
C LEU A 329 -24.04 2.03 -0.25
N TRP A 330 -24.43 3.18 -0.80
CA TRP A 330 -23.87 3.66 -2.06
C TRP A 330 -22.39 3.93 -1.94
N ILE A 331 -21.97 4.54 -0.83
CA ILE A 331 -20.57 4.93 -0.73
C ILE A 331 -19.71 3.72 -0.40
N LEU A 332 -20.28 2.69 0.22
CA LEU A 332 -19.55 1.43 0.35
C LEU A 332 -19.42 0.72 -0.99
N VAL A 333 -20.45 0.78 -1.83
CA VAL A 333 -20.36 0.19 -3.16
C VAL A 333 -19.33 0.94 -4.01
N LEU A 334 -19.27 2.26 -3.88
CA LEU A 334 -18.26 3.01 -4.63
C LEU A 334 -16.85 2.75 -4.11
N GLY A 335 -16.70 2.53 -2.80
CA GLY A 335 -15.42 2.09 -2.28
C GLY A 335 -15.00 0.73 -2.82
N ALA A 336 -15.95 -0.21 -2.88
CA ALA A 336 -15.63 -1.54 -3.38
C ALA A 336 -15.32 -1.53 -4.87
N VAL A 337 -16.01 -0.69 -5.64
CA VAL A 337 -15.74 -0.58 -7.07
C VAL A 337 -14.41 0.13 -7.31
N PHE A 338 -14.02 1.04 -6.40
CA PHE A 338 -12.69 1.61 -6.52
C PHE A 338 -11.61 0.58 -6.21
N GLY A 339 -11.80 -0.21 -5.15
CA GLY A 339 -10.79 -1.18 -4.76
C GLY A 339 -10.66 -2.32 -5.75
N PHE A 340 -11.77 -2.77 -6.33
CA PHE A 340 -11.77 -3.74 -7.42
C PHE A 340 -11.12 -3.21 -8.67
N SER A 341 -10.97 -1.90 -8.77
CA SER A 341 -10.35 -1.26 -9.92
C SER A 341 -9.07 -0.52 -9.58
N SER A 342 -8.56 -0.63 -8.35
CA SER A 342 -7.26 -0.07 -8.02
C SER A 342 -6.24 -1.14 -7.67
N TYR A 343 -6.55 -2.03 -6.72
CA TYR A 343 -5.65 -3.12 -6.40
C TYR A 343 -5.61 -4.16 -7.51
N GLY A 344 -6.65 -4.24 -8.33
CA GLY A 344 -6.64 -5.03 -9.54
C GLY A 344 -5.53 -4.69 -10.52
N PRO A 345 -5.46 -3.42 -10.96
CA PRO A 345 -4.31 -3.02 -11.79
C PRO A 345 -2.99 -3.05 -11.06
N ILE A 346 -2.96 -2.97 -9.73
CA ILE A 346 -1.71 -3.15 -9.00
C ILE A 346 -1.22 -4.59 -9.14
N ALA A 347 -2.12 -5.56 -8.98
CA ALA A 347 -1.75 -6.95 -9.15
C ALA A 347 -1.38 -7.26 -10.59
N LEU A 348 -2.11 -6.69 -11.56
CA LEU A 348 -1.78 -6.94 -12.95
C LEU A 348 -0.48 -6.24 -13.35
N PHE A 349 -0.19 -5.07 -12.79
CA PHE A 349 1.09 -4.42 -13.01
C PHE A 349 2.24 -5.23 -12.43
N GLY A 350 2.03 -5.87 -11.28
CA GLY A 350 3.04 -6.77 -10.76
C GLY A 350 3.28 -7.98 -11.65
N VAL A 351 2.20 -8.56 -12.16
CA VAL A 351 2.31 -9.73 -13.03
C VAL A 351 3.02 -9.37 -14.34
N ILE A 352 2.67 -8.22 -14.93
CA ILE A 352 3.33 -7.78 -16.15
C ILE A 352 4.79 -7.39 -15.88
N ALA A 353 5.07 -6.81 -14.71
CA ALA A 353 6.43 -6.44 -14.37
C ALA A 353 7.32 -7.65 -14.17
N ASN A 354 6.75 -8.78 -13.74
CA ASN A 354 7.53 -10.00 -13.80
C ASN A 354 7.70 -10.47 -15.25
N GLU A 355 6.59 -10.50 -16.01
CA GLU A 355 6.63 -11.13 -17.33
C GLU A 355 7.45 -10.34 -18.34
N SER A 356 7.57 -9.03 -18.16
CA SER A 356 8.40 -8.24 -19.05
C SER A 356 9.85 -8.18 -18.62
N ALA A 357 10.21 -8.77 -17.49
CA ALA A 357 11.56 -8.65 -16.99
C ALA A 357 12.41 -9.82 -17.47
N PRO A 358 13.69 -9.58 -17.79
CA PRO A 358 14.58 -10.69 -18.11
C PRO A 358 14.89 -11.49 -16.85
N PRO A 359 15.04 -12.82 -16.98
CA PRO A 359 15.19 -13.66 -15.77
C PRO A 359 16.53 -13.51 -15.06
N ASN A 360 17.52 -12.86 -15.67
CA ASN A 360 18.81 -12.74 -15.00
C ASN A 360 18.79 -11.69 -13.90
N LEU A 361 18.16 -10.55 -14.14
CA LEU A 361 18.12 -9.44 -13.20
C LEU A 361 16.70 -8.90 -13.05
N CYS A 362 15.76 -9.81 -12.84
CA CYS A 362 14.35 -9.45 -12.74
C CYS A 362 14.03 -8.64 -11.48
N GLY A 363 14.84 -8.77 -10.42
CA GLY A 363 14.60 -7.99 -9.22
C GLY A 363 14.88 -6.51 -9.41
N THR A 364 15.78 -6.17 -10.34
CA THR A 364 16.06 -4.77 -10.63
C THR A 364 14.87 -4.10 -11.31
N SER A 365 14.17 -4.83 -12.18
CA SER A 365 12.98 -4.30 -12.82
C SER A 365 11.87 -4.07 -11.81
N HIS A 366 11.68 -4.99 -10.86
CA HIS A 366 10.70 -4.78 -9.81
C HIS A 366 11.09 -3.63 -8.89
N ALA A 367 12.40 -3.43 -8.68
CA ALA A 367 12.85 -2.30 -7.87
C ALA A 367 12.56 -0.98 -8.58
N ILE A 368 12.76 -0.92 -9.90
CA ILE A 368 12.45 0.29 -10.66
C ILE A 368 10.95 0.56 -10.68
N VAL A 369 10.14 -0.49 -10.82
CA VAL A 369 8.69 -0.34 -10.83
C VAL A 369 8.18 0.11 -9.45
N GLY A 370 8.71 -0.47 -8.37
CA GLY A 370 8.32 -0.03 -7.04
C GLY A 370 8.81 1.36 -6.69
N LEU A 371 9.98 1.75 -7.20
CA LEU A 371 10.48 3.10 -6.99
C LEU A 371 9.60 4.12 -7.69
N MET A 372 9.15 3.82 -8.91
CA MET A 372 8.22 4.74 -9.57
C MET A 372 6.85 4.73 -8.90
N ALA A 373 6.44 3.59 -8.33
CA ALA A 373 5.22 3.52 -7.56
C ALA A 373 5.26 4.43 -6.35
N ASN A 374 6.36 4.43 -5.63
CA ASN A 374 6.41 5.27 -4.45
C ASN A 374 6.83 6.69 -4.74
N VAL A 375 7.37 6.97 -5.93
CA VAL A 375 7.36 8.33 -6.44
C VAL A 375 5.93 8.80 -6.64
N GLY A 376 5.06 7.91 -7.13
CA GLY A 376 3.64 8.23 -7.20
C GLY A 376 3.01 8.41 -5.83
N GLY A 377 3.45 7.64 -4.85
CA GLY A 377 2.98 7.83 -3.49
C GLY A 377 3.44 9.14 -2.88
N PHE A 378 4.67 9.56 -3.21
CA PHE A 378 5.17 10.86 -2.77
C PHE A 378 4.40 11.99 -3.43
N LEU A 379 4.03 11.82 -4.70
CA LEU A 379 3.17 12.81 -5.35
C LEU A 379 1.77 12.79 -4.75
N ALA A 380 1.33 11.64 -4.26
CA ALA A 380 0.04 11.53 -3.61
C ALA A 380 0.01 12.10 -2.20
N GLY A 381 1.15 12.19 -1.54
CA GLY A 381 1.13 12.71 -0.20
C GLY A 381 1.14 14.22 0.00
N LEU A 382 2.27 14.88 -0.26
CA LEU A 382 2.39 16.31 0.01
C LEU A 382 1.85 17.23 -1.09
N PRO A 383 2.15 17.05 -2.40
CA PRO A 383 1.58 17.98 -3.39
C PRO A 383 0.09 17.83 -3.54
N PHE A 384 -0.45 16.65 -3.29
CA PHE A 384 -1.89 16.45 -3.34
C PHE A 384 -2.60 17.20 -2.23
N SER A 385 -2.07 17.14 -1.01
CA SER A 385 -2.66 17.91 0.07
C SER A 385 -2.40 19.40 -0.08
N THR A 386 -1.31 19.79 -0.76
CA THR A 386 -1.08 21.20 -1.02
C THR A 386 -2.10 21.75 -2.01
N ILE A 387 -2.40 20.98 -3.07
CA ILE A 387 -3.50 21.28 -3.97
C ILE A 387 -4.82 21.29 -3.22
N ALA A 388 -4.97 20.41 -2.22
CA ALA A 388 -6.21 20.35 -1.45
C ALA A 388 -6.43 21.60 -0.62
N LYS A 389 -5.44 22.03 0.15
CA LYS A 389 -5.67 23.21 0.98
C LYS A 389 -5.52 24.51 0.21
N HIS A 390 -4.97 24.50 -1.01
CA HIS A 390 -4.85 25.75 -1.74
C HIS A 390 -5.98 26.03 -2.71
N TYR A 391 -6.66 25.00 -3.24
CA TYR A 391 -7.85 25.26 -4.03
C TYR A 391 -9.11 24.74 -3.36
N SER A 392 -9.21 23.43 -3.11
CA SER A 392 -10.38 22.76 -2.58
C SER A 392 -10.06 21.28 -2.44
N TRP A 393 -10.83 20.59 -1.60
CA TRP A 393 -10.80 19.13 -1.63
C TRP A 393 -11.42 18.60 -2.92
N SER A 394 -12.52 19.23 -3.36
CA SER A 394 -13.14 18.83 -4.62
C SER A 394 -12.22 19.10 -5.80
N THR A 395 -11.45 20.20 -5.73
CA THR A 395 -10.46 20.44 -6.76
C THR A 395 -9.27 19.49 -6.63
N ALA A 396 -8.99 19.01 -5.42
CA ALA A 396 -7.91 18.03 -5.24
C ALA A 396 -8.26 16.69 -5.87
N PHE A 397 -9.45 16.17 -5.56
CA PHE A 397 -9.91 14.98 -6.27
C PHE A 397 -10.21 15.24 -7.73
N TRP A 398 -10.44 16.49 -8.14
CA TRP A 398 -10.53 16.78 -9.56
C TRP A 398 -9.16 16.66 -10.22
N VAL A 399 -8.10 17.09 -9.53
CA VAL A 399 -6.74 16.92 -10.04
C VAL A 399 -6.38 15.44 -10.12
N ALA A 400 -6.74 14.67 -9.09
CA ALA A 400 -6.44 13.24 -9.11
C ALA A 400 -7.28 12.51 -10.16
N GLU A 401 -8.55 12.90 -10.33
CA GLU A 401 -9.38 12.29 -11.35
C GLU A 401 -8.95 12.70 -12.75
N VAL A 402 -8.43 13.91 -12.92
CA VAL A 402 -8.04 14.31 -14.26
C VAL A 402 -6.66 13.74 -14.61
N ILE A 403 -5.80 13.47 -13.61
CA ILE A 403 -4.55 12.82 -13.96
C ILE A 403 -4.79 11.32 -14.19
N CYS A 404 -5.77 10.72 -13.50
CA CYS A 404 -6.11 9.34 -13.79
C CYS A 404 -6.83 9.20 -15.13
N ALA A 405 -7.70 10.16 -15.46
CA ALA A 405 -8.37 10.15 -16.76
C ALA A 405 -7.39 10.43 -17.88
N ALA A 406 -6.41 11.31 -17.65
CA ALA A 406 -5.40 11.59 -18.66
C ALA A 406 -4.49 10.39 -18.87
N SER A 407 -4.18 9.66 -17.79
CA SER A 407 -3.39 8.45 -17.95
C SER A 407 -4.16 7.35 -18.66
N THR A 408 -5.43 7.17 -18.33
CA THR A 408 -6.23 6.15 -18.99
C THR A 408 -6.49 6.51 -20.45
N ALA A 409 -6.62 7.80 -20.75
CA ALA A 409 -6.79 8.22 -22.15
C ALA A 409 -5.49 8.09 -22.92
N ALA A 410 -4.36 8.39 -22.28
CA ALA A 410 -3.07 8.24 -22.95
C ALA A 410 -2.68 6.78 -23.09
N PHE A 411 -3.27 5.88 -22.30
CA PHE A 411 -3.02 4.46 -22.48
C PHE A 411 -4.03 3.81 -23.40
N PHE A 412 -5.20 4.42 -23.60
CA PHE A 412 -6.09 4.00 -24.68
C PHE A 412 -5.54 4.38 -26.05
N LEU A 413 -4.59 5.30 -26.12
CA LEU A 413 -4.03 5.70 -27.40
C LEU A 413 -2.74 4.95 -27.74
N LEU A 414 -1.96 4.54 -26.74
CA LEU A 414 -0.69 3.89 -27.03
C LEU A 414 -0.88 2.48 -27.57
N ARG A 415 -1.96 1.80 -27.19
CA ARG A 415 -2.18 0.46 -27.71
C ARG A 415 -2.71 0.53 -29.13
#